data_3NUN
#
_entry.id   3NUN
#
_cell.length_a   122.761
_cell.length_b   122.761
_cell.length_c   47.106
_cell.angle_alpha   90.000
_cell.angle_beta   90.000
_cell.angle_gamma   120.000
#
_symmetry.space_group_name_H-M   'P 32 2 1'
#
loop_
_entity.id
_entity.type
_entity.pdbx_description
1 polymer PkB-like
2 non-polymer GLYCEROL
3 non-polymer 'SULFATE ION'
4 non-polymer 6-(2-aminopyrimidin-4-yl)-1H-indazol-3-amine
5 water water
#
_entity_poly.entity_id   1
_entity_poly.type   'polypeptide(L)'
_entity_poly.pdbx_seq_one_letter_code
;HAQPPPQPRKKRPEDFKFGKILGEGSFSTVVLARELATSREYAIKILEKRHIIKENKVPYVTRERDVMSRLDHPFFVKLY
FTFQDDEKLYFGLSYAKNGELLKYIRKIGSFDETCTRFYTAEIVSALEYLHGKGIIHRDLKPENILLNEDMHIQITDFGT
AKVLSPESKQARAN(SEP)FVGTAQYVSPELLTEKSACKSSDLWALGCIIYQLVAGLPPFRAGNEYLIFQKIIKLEYDFP
EKFFPKARDLVEKLLVLDATKRLGCEEMEGYGPLKAHPFFESVTWENLHQQTPPKL
;
_entity_poly.pdbx_strand_id   A
#
# COMPACT_ATOMS: atom_id res chain seq x y z
N PRO A 5 -10.36 30.13 3.44
CA PRO A 5 -11.09 30.51 2.23
C PRO A 5 -12.32 29.62 2.02
N PRO A 6 -13.34 30.14 1.33
CA PRO A 6 -14.55 29.36 1.05
C PRO A 6 -14.28 28.12 0.19
N GLN A 7 -14.47 26.94 0.78
CA GLN A 7 -14.41 25.68 0.04
C GLN A 7 -15.74 25.44 -0.66
N PRO A 8 -15.76 24.53 -1.66
CA PRO A 8 -17.05 24.24 -2.30
C PRO A 8 -18.08 23.75 -1.28
N ARG A 9 -19.37 23.90 -1.57
CA ARG A 9 -20.41 23.38 -0.68
C ARG A 9 -20.24 21.87 -0.58
N LYS A 10 -20.75 21.27 0.50
CA LYS A 10 -20.64 19.83 0.64
C LYS A 10 -21.31 19.14 -0.55
N LYS A 11 -20.68 18.10 -1.08
CA LYS A 11 -21.29 17.34 -2.14
C LYS A 11 -22.31 16.37 -1.55
N ARG A 12 -23.13 15.76 -2.39
CA ARG A 12 -24.16 14.83 -1.93
C ARG A 12 -24.34 13.68 -2.92
N PRO A 13 -24.97 12.57 -2.48
CA PRO A 13 -25.20 11.41 -3.33
C PRO A 13 -25.82 11.78 -4.68
N GLU A 14 -26.79 12.70 -4.67
CA GLU A 14 -27.49 13.09 -5.89
C GLU A 14 -26.57 13.78 -6.91
N ASP A 15 -25.39 14.26 -6.47
CA ASP A 15 -24.44 14.88 -7.39
C ASP A 15 -23.76 13.84 -8.28
N PHE A 16 -23.97 12.56 -7.98
CA PHE A 16 -23.23 11.50 -8.68
C PHE A 16 -24.13 10.49 -9.36
N LYS A 17 -23.61 9.91 -10.43
CA LYS A 17 -24.19 8.73 -11.02
C LYS A 17 -23.29 7.60 -10.58
N PHE A 18 -23.78 6.77 -9.66
CA PHE A 18 -23.00 5.64 -9.18
C PHE A 18 -22.99 4.51 -10.19
N GLY A 19 -21.92 3.73 -10.19
CA GLY A 19 -21.74 2.68 -11.18
C GLY A 19 -21.30 1.39 -10.52
N LYS A 20 -20.31 0.73 -11.10
CA LYS A 20 -19.89 -0.59 -10.64
C LYS A 20 -19.14 -0.54 -9.31
N ILE A 21 -19.15 -1.67 -8.61
CA ILE A 21 -18.42 -1.84 -7.37
C ILE A 21 -16.93 -2.10 -7.67
N LEU A 22 -16.04 -1.33 -7.05
CA LEU A 22 -14.59 -1.46 -7.28
C LEU A 22 -13.91 -2.33 -6.23
N GLY A 23 -14.49 -2.38 -5.04
CA GLY A 23 -13.97 -3.23 -3.98
C GLY A 23 -14.98 -3.34 -2.84
N GLU A 24 -14.89 -4.40 -2.05
CA GLU A 24 -15.65 -4.43 -0.82
C GLU A 24 -14.93 -5.13 0.32
N GLY A 25 -14.94 -4.48 1.48
CA GLY A 25 -14.38 -5.06 2.68
C GLY A 25 -15.48 -5.38 3.66
N SER A 26 -15.09 -5.69 4.89
CA SER A 26 -16.05 -6.04 5.92
C SER A 26 -16.83 -4.81 6.40
N PHE A 27 -16.22 -3.63 6.29
CA PHE A 27 -16.86 -2.41 6.80
C PHE A 27 -17.07 -1.31 5.77
N SER A 28 -16.78 -1.61 4.51
CA SER A 28 -16.82 -0.59 3.48
C SER A 28 -17.00 -1.22 2.11
N THR A 29 -17.57 -0.43 1.20
CA THR A 29 -17.66 -0.81 -0.20
C THR A 29 -17.22 0.39 -1.03
N VAL A 30 -16.39 0.15 -2.04
CA VAL A 30 -15.95 1.21 -2.92
C VAL A 30 -16.70 1.10 -4.23
N VAL A 31 -17.31 2.20 -4.66
CA VAL A 31 -18.11 2.24 -5.89
C VAL A 31 -17.62 3.33 -6.85
N LEU A 32 -17.45 2.98 -8.12
CA LEU A 32 -17.13 3.98 -9.11
C LEU A 32 -18.30 4.96 -9.24
N ALA A 33 -18.01 6.26 -9.29
CA ALA A 33 -19.05 7.26 -9.44
C ALA A 33 -18.64 8.37 -10.41
N ARG A 34 -19.59 8.81 -11.23
CA ARG A 34 -19.32 9.95 -12.12
C ARG A 34 -20.03 11.17 -11.60
N GLU A 35 -19.28 12.22 -11.30
CA GLU A 35 -19.87 13.45 -10.84
C GLU A 35 -20.58 14.12 -12.02
N LEU A 36 -21.87 14.39 -11.86
CA LEU A 36 -22.69 14.89 -12.97
C LEU A 36 -22.20 16.24 -13.52
N ALA A 37 -21.99 17.20 -12.63
CA ALA A 37 -21.55 18.54 -13.01
C ALA A 37 -20.20 18.63 -13.75
N THR A 38 -19.32 17.64 -13.57
CA THR A 38 -17.96 17.74 -14.09
C THR A 38 -17.56 16.63 -15.05
N SER A 39 -18.30 15.52 -15.03
CA SER A 39 -17.94 14.30 -15.75
C SER A 39 -16.73 13.58 -15.14
N ARG A 40 -16.28 14.05 -13.97
CA ARG A 40 -15.15 13.43 -13.27
C ARG A 40 -15.49 12.09 -12.65
N GLU A 41 -14.57 11.14 -12.78
CA GLU A 41 -14.74 9.85 -12.14
C GLU A 41 -14.01 9.77 -10.81
N TYR A 42 -14.72 9.34 -9.78
CA TYR A 42 -14.13 9.10 -8.47
C TYR A 42 -14.46 7.70 -7.99
N ALA A 43 -13.59 7.19 -7.12
CA ALA A 43 -13.83 5.93 -6.42
C ALA A 43 -14.35 6.37 -5.08
N ILE A 44 -15.64 6.13 -4.84
CA ILE A 44 -16.26 6.57 -3.60
C ILE A 44 -16.38 5.41 -2.64
N LYS A 45 -15.75 5.56 -1.47
CA LYS A 45 -15.75 4.55 -0.44
C LYS A 45 -16.91 4.85 0.48
N ILE A 46 -17.77 3.86 0.69
CA ILE A 46 -19.02 4.08 1.40
C ILE A 46 -19.01 3.21 2.64
N LEU A 47 -19.31 3.82 3.77
CA LEU A 47 -19.28 3.14 5.05
C LEU A 47 -20.60 3.34 5.76
N GLU A 48 -21.15 2.26 6.30
CA GLU A 48 -22.39 2.33 7.06
C GLU A 48 -22.10 2.71 8.51
N LYS A 49 -22.62 3.87 8.94
CA LYS A 49 -22.32 4.38 10.27
C LYS A 49 -22.68 3.41 11.37
N ARG A 50 -23.87 2.82 11.31
CA ARG A 50 -24.31 1.89 12.34
C ARG A 50 -23.36 0.71 12.47
N HIS A 51 -22.94 0.16 11.35
CA HIS A 51 -22.00 -0.95 11.36
C HIS A 51 -20.63 -0.52 11.94
N ILE A 52 -20.19 0.68 11.61
CA ILE A 52 -18.89 1.14 12.12
C ILE A 52 -18.91 1.30 13.64
N ILE A 53 -19.95 1.94 14.14
CA ILE A 53 -20.18 2.12 15.57
C ILE A 53 -20.36 0.80 16.30
N LYS A 54 -21.19 -0.07 15.74
CA LYS A 54 -21.47 -1.37 16.33
C LYS A 54 -20.20 -2.19 16.53
N GLU A 55 -19.24 -2.05 15.62
CA GLU A 55 -18.01 -2.85 15.68
C GLU A 55 -16.80 -2.10 16.24
N ASN A 56 -17.05 -0.93 16.83
CA ASN A 56 -15.96 -0.11 17.38
C ASN A 56 -14.90 0.26 16.35
N LYS A 57 -15.32 0.66 15.16
CA LYS A 57 -14.37 1.03 14.12
C LYS A 57 -14.21 2.53 13.91
N VAL A 58 -14.83 3.33 14.77
CA VAL A 58 -14.74 4.78 14.61
C VAL A 58 -13.29 5.31 14.58
N PRO A 59 -12.39 4.73 15.41
CA PRO A 59 -11.02 5.26 15.37
C PRO A 59 -10.33 4.95 14.04
N TYR A 60 -10.66 3.82 13.43
CA TYR A 60 -10.07 3.44 12.16
C TYR A 60 -10.58 4.33 11.04
N VAL A 61 -11.86 4.61 11.06
CA VAL A 61 -12.43 5.48 10.03
C VAL A 61 -11.86 6.87 10.21
N THR A 62 -11.77 7.30 11.46
CA THR A 62 -11.23 8.63 11.76
C THR A 62 -9.75 8.75 11.33
N ARG A 63 -8.96 7.71 11.60
CA ARG A 63 -7.55 7.73 11.27
C ARG A 63 -7.35 7.75 9.75
N GLU A 64 -8.14 6.96 9.03
CA GLU A 64 -8.03 6.96 7.57
C GLU A 64 -8.27 8.34 6.99
N ARG A 65 -9.32 9.00 7.47
CA ARG A 65 -9.64 10.34 6.97
C ARG A 65 -8.54 11.33 7.32
N ASP A 66 -8.07 11.30 8.56
CA ASP A 66 -7.06 12.25 9.01
C ASP A 66 -5.72 12.04 8.29
N VAL A 67 -5.38 10.79 7.98
CA VAL A 67 -4.15 10.47 7.28
C VAL A 67 -4.22 10.86 5.81
N MET A 68 -5.27 10.44 5.11
CA MET A 68 -5.42 10.75 3.69
C MET A 68 -5.53 12.24 3.40
N SER A 69 -5.87 13.03 4.41
CA SER A 69 -5.94 14.48 4.28
C SER A 69 -4.55 15.12 4.33
N ARG A 70 -3.62 14.49 5.04
CA ARG A 70 -2.26 15.00 5.23
C ARG A 70 -1.31 14.60 4.09
N LEU A 71 -1.74 13.67 3.25
CA LEU A 71 -0.91 13.15 2.18
C LEU A 71 -1.12 13.95 0.92
N ASP A 72 -0.03 14.37 0.28
CA ASP A 72 -0.14 15.15 -0.94
C ASP A 72 0.99 14.74 -1.87
N HIS A 73 0.83 13.58 -2.50
CA HIS A 73 1.90 12.97 -3.26
C HIS A 73 1.31 12.07 -4.35
N PRO A 74 1.88 12.12 -5.55
CA PRO A 74 1.38 11.36 -6.71
C PRO A 74 1.26 9.84 -6.48
N PHE A 75 2.07 9.24 -5.61
CA PHE A 75 2.03 7.80 -5.47
C PHE A 75 1.00 7.32 -4.42
N PHE A 76 0.14 8.23 -3.98
CA PHE A 76 -0.89 7.89 -2.99
C PHE A 76 -2.28 8.31 -3.48
N VAL A 77 -3.25 7.40 -3.35
CA VAL A 77 -4.64 7.73 -3.58
C VAL A 77 -5.01 8.94 -2.76
N LYS A 78 -5.70 9.88 -3.39
CA LYS A 78 -6.02 11.16 -2.77
C LYS A 78 -7.44 11.19 -2.25
N LEU A 79 -7.64 11.82 -1.10
CA LEU A 79 -8.99 12.07 -0.59
C LEU A 79 -9.46 13.45 -1.01
N TYR A 80 -10.43 13.50 -1.93
CA TYR A 80 -10.92 14.77 -2.48
C TYR A 80 -12.01 15.45 -1.65
N PHE A 81 -12.92 14.66 -1.08
CA PHE A 81 -14.06 15.20 -0.33
C PHE A 81 -14.69 14.11 0.54
N THR A 82 -15.46 14.54 1.52
CA THR A 82 -16.28 13.61 2.29
C THR A 82 -17.67 14.22 2.43
N PHE A 83 -18.67 13.37 2.58
CA PHE A 83 -20.00 13.80 2.96
C PHE A 83 -20.70 12.61 3.57
N GLN A 84 -21.87 12.85 4.10
CA GLN A 84 -22.69 11.83 4.67
C GLN A 84 -24.17 12.12 4.49
N ASP A 85 -24.95 11.09 4.55
CA ASP A 85 -26.39 11.14 4.60
C ASP A 85 -26.79 10.48 5.91
N ASP A 86 -28.03 10.11 6.11
CA ASP A 86 -28.43 9.55 7.37
C ASP A 86 -27.76 8.23 7.76
N GLU A 87 -27.59 7.35 6.82
CA GLU A 87 -26.99 6.09 7.12
C GLU A 87 -25.51 5.91 6.86
N LYS A 88 -24.95 6.66 5.93
CA LYS A 88 -23.60 6.39 5.45
C LYS A 88 -22.60 7.54 5.39
N LEU A 89 -21.33 7.21 5.40
CA LEU A 89 -20.23 8.13 5.15
C LEU A 89 -19.70 7.88 3.76
N TYR A 90 -19.35 8.94 3.06
CA TYR A 90 -18.80 8.82 1.71
C TYR A 90 -17.44 9.50 1.64
N PHE A 91 -16.43 8.79 1.16
CA PHE A 91 -15.13 9.38 0.91
C PHE A 91 -14.87 9.39 -0.59
N GLY A 92 -14.66 10.57 -1.16
CA GLY A 92 -14.32 10.66 -2.57
C GLY A 92 -12.82 10.44 -2.76
N LEU A 93 -12.44 9.37 -3.45
CA LEU A 93 -11.04 9.01 -3.64
C LEU A 93 -10.63 9.03 -5.09
N SER A 94 -9.31 9.13 -5.35
CA SER A 94 -8.78 8.96 -6.70
C SER A 94 -9.26 7.65 -7.28
N TYR A 95 -9.65 7.67 -8.56
CA TYR A 95 -9.98 6.44 -9.26
C TYR A 95 -8.75 5.92 -10.02
N ALA A 96 -8.20 4.81 -9.54
CA ALA A 96 -7.11 4.13 -10.20
C ALA A 96 -7.69 3.14 -11.18
N LYS A 97 -7.80 3.55 -12.44
CA LYS A 97 -8.52 2.80 -13.46
C LYS A 97 -7.98 1.38 -13.68
N ASN A 98 -6.70 1.16 -13.46
CA ASN A 98 -6.11 -0.15 -13.74
C ASN A 98 -6.16 -1.18 -12.60
N GLY A 99 -6.76 -0.81 -11.49
CA GLY A 99 -6.93 -1.74 -10.38
C GLY A 99 -5.66 -2.11 -9.61
N GLU A 100 -5.69 -3.27 -8.96
CA GLU A 100 -4.63 -3.72 -8.08
C GLU A 100 -3.39 -4.23 -8.78
N LEU A 101 -2.22 -3.92 -8.20
CA LEU A 101 -0.96 -4.50 -8.66
C LEU A 101 -1.04 -6.03 -8.64
N LEU A 102 -1.75 -6.55 -7.65
CA LEU A 102 -1.93 -8.00 -7.53
C LEU A 102 -2.45 -8.60 -8.83
N LYS A 103 -3.40 -7.92 -9.45
CA LYS A 103 -3.97 -8.37 -10.72
C LYS A 103 -2.88 -8.53 -11.79
N TYR A 104 -1.94 -7.60 -11.84
CA TYR A 104 -0.91 -7.70 -12.88
C TYR A 104 0.08 -8.81 -12.60
N ILE A 105 0.37 -9.04 -11.33
CA ILE A 105 1.26 -10.12 -10.95
C ILE A 105 0.68 -11.45 -11.42
N ARG A 106 -0.61 -11.66 -11.16
CA ARG A 106 -1.31 -12.88 -11.56
C ARG A 106 -1.38 -13.01 -13.08
N LYS A 107 -1.64 -11.90 -13.77
CA LYS A 107 -1.87 -11.93 -15.20
C LYS A 107 -0.62 -12.29 -15.99
N ILE A 108 0.54 -11.83 -15.51
CA ILE A 108 1.77 -12.05 -16.26
C ILE A 108 2.71 -13.01 -15.54
N GLY A 109 2.29 -13.47 -14.36
CA GLY A 109 3.10 -14.40 -13.59
C GLY A 109 4.13 -13.72 -12.70
N SER A 110 5.22 -13.27 -13.32
CA SER A 110 6.26 -12.56 -12.61
C SER A 110 6.78 -11.42 -13.47
N PHE A 111 7.43 -10.46 -12.83
CA PHE A 111 7.96 -9.29 -13.52
C PHE A 111 9.37 -9.57 -13.99
N ASP A 112 9.75 -9.04 -15.14
CA ASP A 112 11.17 -9.03 -15.53
C ASP A 112 11.89 -8.01 -14.67
N GLU A 113 13.21 -7.91 -14.79
CA GLU A 113 14.01 -7.06 -13.90
C GLU A 113 13.74 -5.56 -14.07
N THR A 114 13.50 -5.12 -15.30
CA THR A 114 13.19 -3.71 -15.55
C THR A 114 11.90 -3.26 -14.88
N CYS A 115 10.85 -4.07 -14.97
CA CYS A 115 9.58 -3.72 -14.34
C CYS A 115 9.63 -3.85 -12.81
N THR A 116 10.32 -4.88 -12.31
CA THR A 116 10.51 -5.06 -10.87
C THR A 116 11.21 -3.84 -10.27
N ARG A 117 12.31 -3.45 -10.90
CA ARG A 117 13.08 -2.27 -10.50
C ARG A 117 12.24 -1.00 -10.52
N PHE A 118 11.56 -0.73 -11.64
CA PHE A 118 10.76 0.50 -11.72
C PHE A 118 9.68 0.59 -10.64
N TYR A 119 8.86 -0.45 -10.53
CA TYR A 119 7.77 -0.43 -9.55
C TYR A 119 8.24 -0.52 -8.10
N THR A 120 9.33 -1.25 -7.84
CA THR A 120 9.93 -1.26 -6.51
C THR A 120 10.39 0.15 -6.13
N ALA A 121 11.06 0.83 -7.08
CA ALA A 121 11.48 2.20 -6.85
C ALA A 121 10.31 3.12 -6.51
N GLU A 122 9.19 3.00 -7.24
CA GLU A 122 8.02 3.82 -6.89
C GLU A 122 7.53 3.54 -5.48
N ILE A 123 7.50 2.27 -5.08
CA ILE A 123 7.04 1.94 -3.73
C ILE A 123 8.01 2.50 -2.67
N VAL A 124 9.31 2.34 -2.90
CA VAL A 124 10.33 2.87 -1.98
C VAL A 124 10.17 4.38 -1.88
N SER A 125 10.02 5.03 -3.03
CA SER A 125 9.84 6.47 -3.06
C SER A 125 8.55 6.87 -2.34
N ALA A 126 7.49 6.06 -2.49
CA ALA A 126 6.24 6.33 -1.78
C ALA A 126 6.42 6.18 -0.27
N LEU A 127 7.11 5.13 0.14
CA LEU A 127 7.35 4.89 1.57
C LEU A 127 8.22 5.98 2.18
N GLU A 128 9.26 6.40 1.47
CA GLU A 128 10.11 7.49 1.97
C GLU A 128 9.26 8.72 2.32
N TYR A 129 8.31 9.04 1.44
CA TYR A 129 7.44 10.19 1.69
C TYR A 129 6.52 9.94 2.87
N LEU A 130 5.95 8.74 2.93
CA LEU A 130 5.01 8.43 4.00
C LEU A 130 5.72 8.42 5.35
N HIS A 131 6.87 7.77 5.39
CA HIS A 131 7.62 7.67 6.63
C HIS A 131 8.21 9.02 7.08
N GLY A 132 8.52 9.89 6.14
CA GLY A 132 9.02 11.21 6.49
C GLY A 132 7.93 12.06 7.15
N LYS A 133 6.68 11.64 7.01
CA LYS A 133 5.59 12.32 7.71
C LYS A 133 5.25 11.63 9.03
N GLY A 134 6.05 10.64 9.39
CA GLY A 134 5.82 9.90 10.62
C GLY A 134 4.59 9.02 10.52
N ILE A 135 4.30 8.55 9.32
CA ILE A 135 3.13 7.69 9.14
C ILE A 135 3.56 6.30 8.72
N ILE A 136 2.91 5.33 9.30
CA ILE A 136 3.15 3.95 9.03
C ILE A 136 1.90 3.30 8.42
N HIS A 137 2.03 2.66 7.29
CA HIS A 137 0.89 2.04 6.69
C HIS A 137 0.32 0.84 7.42
N ARG A 138 1.18 -0.11 7.76
CA ARG A 138 0.88 -1.28 8.56
C ARG A 138 0.15 -2.39 7.85
N ASP A 139 -0.21 -2.21 6.61
CA ASP A 139 -0.85 -3.26 5.87
C ASP A 139 -0.53 -3.13 4.40
N LEU A 140 0.73 -2.93 4.08
CA LEU A 140 1.13 -2.77 2.72
C LEU A 140 1.14 -4.11 2.01
N LYS A 141 0.59 -4.16 0.81
CA LYS A 141 0.46 -5.40 0.05
C LYS A 141 -0.01 -5.09 -1.36
N PRO A 142 0.18 -6.04 -2.29
CA PRO A 142 -0.12 -5.77 -3.70
C PRO A 142 -1.59 -5.43 -3.94
N GLU A 143 -2.46 -5.84 -3.02
CA GLU A 143 -3.89 -5.56 -3.11
C GLU A 143 -4.21 -4.07 -2.86
N ASN A 144 -3.36 -3.43 -2.07
CA ASN A 144 -3.47 -2.00 -1.71
C ASN A 144 -2.62 -1.06 -2.55
N ILE A 145 -1.84 -1.62 -3.47
CA ILE A 145 -1.05 -0.82 -4.37
C ILE A 145 -1.76 -0.82 -5.71
N LEU A 146 -2.43 0.29 -6.00
CA LEU A 146 -3.22 0.39 -7.23
C LEU A 146 -2.40 0.97 -8.37
N LEU A 147 -2.89 0.80 -9.58
CA LEU A 147 -2.26 1.38 -10.77
C LEU A 147 -3.21 2.36 -11.44
N ASN A 148 -2.77 3.60 -11.63
CA ASN A 148 -3.61 4.56 -12.30
C ASN A 148 -3.62 4.29 -13.80
N GLU A 149 -4.41 5.07 -14.54
CA GLU A 149 -4.46 4.98 -16.00
C GLU A 149 -3.08 5.07 -16.64
N ASP A 150 -2.19 5.86 -16.05
CA ASP A 150 -0.83 6.06 -16.56
C ASP A 150 0.11 4.92 -16.21
N MET A 151 -0.40 3.95 -15.45
CA MET A 151 0.42 2.82 -14.96
C MET A 151 1.49 3.17 -13.91
N HIS A 152 1.36 4.33 -13.28
CA HIS A 152 2.08 4.67 -12.06
C HIS A 152 1.28 4.18 -10.85
N ILE A 153 1.97 3.83 -9.76
CA ILE A 153 1.27 3.32 -8.58
C ILE A 153 0.53 4.40 -7.83
N GLN A 154 -0.44 3.96 -7.05
CA GLN A 154 -1.20 4.80 -6.15
C GLN A 154 -1.55 3.94 -4.96
N ILE A 155 -0.91 4.19 -3.83
CA ILE A 155 -1.12 3.38 -2.63
C ILE A 155 -2.36 3.86 -1.90
N THR A 156 -3.17 2.91 -1.43
CA THR A 156 -4.43 3.29 -0.79
C THR A 156 -4.67 2.47 0.48
N ASP A 157 -5.79 2.76 1.15
CA ASP A 157 -6.26 2.03 2.34
C ASP A 157 -5.48 2.35 3.60
N PHE A 158 -5.86 3.42 4.29
CA PHE A 158 -5.12 3.91 5.44
C PHE A 158 -5.86 3.81 6.76
N GLY A 159 -6.92 3.01 6.78
CA GLY A 159 -7.69 2.82 8.00
C GLY A 159 -6.81 2.24 9.08
N THR A 160 -5.90 1.37 8.67
CA THR A 160 -5.01 0.68 9.61
C THR A 160 -3.70 1.42 9.89
N ALA A 161 -3.53 2.61 9.31
CA ALA A 161 -2.27 3.35 9.47
C ALA A 161 -2.01 3.76 10.91
N LYS A 162 -0.75 4.00 11.24
CA LYS A 162 -0.41 4.54 12.55
C LYS A 162 0.32 5.86 12.35
N VAL A 163 -0.04 6.85 13.15
CA VAL A 163 0.64 8.13 13.11
C VAL A 163 1.57 8.20 14.32
N LEU A 164 2.86 8.33 14.08
CA LEU A 164 3.87 8.17 15.13
C LEU A 164 3.91 9.28 16.18
N SER A 165 4.36 8.92 17.38
CA SER A 165 4.30 9.73 18.60
C SER A 165 2.96 9.43 19.29
N PHE A 176 -3.49 -3.61 15.78
CA PHE A 176 -4.06 -4.44 14.72
C PHE A 176 -3.00 -5.28 14.02
N VAL A 177 -3.39 -6.43 13.47
CA VAL A 177 -2.50 -7.28 12.69
C VAL A 177 -2.96 -7.37 11.23
N GLY A 178 -2.05 -7.09 10.31
CA GLY A 178 -2.38 -7.00 8.89
C GLY A 178 -2.72 -8.32 8.20
N THR A 179 -2.45 -8.38 6.91
CA THR A 179 -2.69 -9.58 6.11
C THR A 179 -1.57 -10.59 6.31
N ALA A 180 -1.94 -11.80 6.71
CA ALA A 180 -0.98 -12.79 7.23
C ALA A 180 0.34 -12.89 6.47
N GLN A 181 0.28 -12.95 5.15
CA GLN A 181 1.48 -13.21 4.36
C GLN A 181 2.52 -12.09 4.46
N TYR A 182 2.09 -10.91 4.90
CA TYR A 182 2.95 -9.71 4.94
C TYR A 182 3.26 -9.21 6.35
N VAL A 183 2.77 -9.92 7.35
CA VAL A 183 3.01 -9.55 8.75
C VAL A 183 4.48 -9.71 9.11
N SER A 184 5.02 -8.69 9.77
CA SER A 184 6.42 -8.70 10.20
C SER A 184 6.51 -9.47 11.50
N PRO A 185 7.67 -10.05 11.78
CA PRO A 185 7.90 -10.87 12.98
C PRO A 185 7.58 -10.12 14.28
N GLU A 186 7.95 -8.85 14.36
CA GLU A 186 7.74 -8.06 15.59
C GLU A 186 6.26 -7.95 15.96
N LEU A 187 5.38 -7.95 14.96
CA LEU A 187 3.94 -7.95 15.22
C LEU A 187 3.47 -9.24 15.90
N LEU A 188 4.17 -10.33 15.64
CA LEU A 188 3.81 -11.64 16.17
C LEU A 188 4.43 -11.91 17.54
N THR A 189 5.54 -11.26 17.83
CA THR A 189 6.29 -11.51 19.07
C THR A 189 6.15 -10.38 20.08
N GLU A 190 5.55 -9.28 19.65
CA GLU A 190 5.69 -8.05 20.42
C GLU A 190 4.42 -7.20 20.40
N LYS A 191 3.61 -7.36 19.36
CA LYS A 191 2.37 -6.62 19.23
C LYS A 191 2.67 -5.13 18.96
N SER A 192 3.89 -4.85 18.50
CA SER A 192 4.32 -3.48 18.24
C SER A 192 4.80 -3.27 16.80
N ALA A 193 4.33 -2.19 16.17
CA ALA A 193 4.74 -1.86 14.80
C ALA A 193 5.54 -0.56 14.71
N CYS A 194 6.35 -0.45 13.67
CA CYS A 194 7.16 0.74 13.41
C CYS A 194 7.37 0.85 11.91
N LYS A 195 8.17 1.80 11.49
CA LYS A 195 8.39 2.01 10.05
C LYS A 195 8.97 0.75 9.42
N SER A 196 9.73 0.02 10.23
CA SER A 196 10.41 -1.17 9.74
C SER A 196 9.45 -2.30 9.33
N SER A 197 8.23 -2.28 9.88
CA SER A 197 7.21 -3.27 9.51
C SER A 197 6.80 -3.08 8.06
N ASP A 198 6.74 -1.82 7.63
CA ASP A 198 6.46 -1.51 6.22
C ASP A 198 7.59 -1.99 5.31
N LEU A 199 8.83 -1.87 5.79
CA LEU A 199 10.00 -2.29 5.02
C LEU A 199 10.03 -3.82 4.90
N TRP A 200 9.62 -4.50 5.97
CA TRP A 200 9.42 -5.95 5.88
C TRP A 200 8.41 -6.29 4.77
N ALA A 201 7.24 -5.65 4.79
CA ALA A 201 6.23 -5.87 3.74
C ALA A 201 6.83 -5.61 2.37
N LEU A 202 7.62 -4.54 2.27
CA LEU A 202 8.31 -4.24 1.02
C LEU A 202 9.19 -5.42 0.56
N GLY A 203 9.90 -6.04 1.49
CA GLY A 203 10.71 -7.18 1.14
C GLY A 203 9.87 -8.30 0.55
N CYS A 204 8.70 -8.52 1.14
CA CYS A 204 7.78 -9.55 0.69
C CYS A 204 7.26 -9.22 -0.71
N ILE A 205 6.94 -7.95 -0.94
CA ILE A 205 6.40 -7.52 -2.22
C ILE A 205 7.42 -7.66 -3.34
N ILE A 206 8.65 -7.21 -3.10
CA ILE A 206 9.71 -7.39 -4.09
C ILE A 206 9.86 -8.86 -4.44
N TYR A 207 9.92 -9.70 -3.41
CA TYR A 207 10.07 -11.13 -3.62
C TYR A 207 8.91 -11.63 -4.47
N GLN A 208 7.70 -11.18 -4.14
CA GLN A 208 6.51 -11.57 -4.88
C GLN A 208 6.53 -11.11 -6.35
N LEU A 209 7.04 -9.92 -6.61
CA LEU A 209 7.12 -9.41 -7.98
C LEU A 209 8.03 -10.29 -8.81
N VAL A 210 9.11 -10.77 -8.18
CA VAL A 210 10.10 -11.57 -8.89
C VAL A 210 9.75 -13.05 -8.94
N ALA A 211 9.26 -13.61 -7.84
CA ALA A 211 8.96 -15.04 -7.80
C ALA A 211 7.57 -15.36 -8.34
N GLY A 212 6.68 -14.38 -8.32
CA GLY A 212 5.29 -14.57 -8.70
C GLY A 212 4.43 -14.92 -7.50
N LEU A 213 5.08 -15.20 -6.37
CA LEU A 213 4.39 -15.59 -5.14
C LEU A 213 5.04 -14.96 -3.91
N PRO A 214 4.26 -14.77 -2.84
CA PRO A 214 4.82 -14.20 -1.60
C PRO A 214 5.78 -15.22 -0.98
N PRO A 215 6.74 -14.74 -0.18
CA PRO A 215 7.80 -15.61 0.35
C PRO A 215 7.30 -16.65 1.37
N PHE A 216 6.38 -16.26 2.24
CA PHE A 216 5.91 -17.13 3.30
C PHE A 216 4.49 -17.64 3.00
N ARG A 217 4.40 -18.91 2.62
CA ARG A 217 3.12 -19.51 2.24
C ARG A 217 2.90 -20.82 3.00
N ALA A 218 1.66 -21.09 3.36
CA ALA A 218 1.30 -22.35 4.02
C ALA A 218 -0.20 -22.53 4.04
N GLY A 219 -0.64 -23.69 4.53
CA GLY A 219 -2.05 -24.06 4.52
C GLY A 219 -2.96 -23.18 5.35
N ASN A 220 -2.42 -22.48 6.33
CA ASN A 220 -3.26 -21.62 7.15
C ASN A 220 -2.48 -20.48 7.82
N GLU A 221 -3.20 -19.57 8.45
CA GLU A 221 -2.57 -18.42 9.09
C GLU A 221 -1.51 -18.86 10.08
N TYR A 222 -1.88 -19.78 10.96
CA TYR A 222 -0.97 -20.20 12.02
C TYR A 222 0.35 -20.69 11.45
N LEU A 223 0.29 -21.48 10.37
CA LEU A 223 1.52 -22.01 9.78
C LEU A 223 2.34 -20.96 9.03
N ILE A 224 1.68 -19.92 8.55
CA ILE A 224 2.34 -18.82 7.87
C ILE A 224 3.13 -18.06 8.93
N PHE A 225 2.49 -17.80 10.06
CA PHE A 225 3.14 -17.15 11.19
C PHE A 225 4.35 -17.93 11.71
N GLN A 226 4.21 -19.26 11.79
CA GLN A 226 5.34 -20.10 12.19
C GLN A 226 6.52 -19.83 11.28
N LYS A 227 6.27 -19.86 9.97
CA LYS A 227 7.34 -19.65 9.00
C LYS A 227 7.98 -18.26 9.12
N ILE A 228 7.14 -17.25 9.34
CA ILE A 228 7.64 -15.88 9.47
C ILE A 228 8.65 -15.76 10.62
N ILE A 229 8.27 -16.17 11.82
CA ILE A 229 9.18 -16.01 12.96
C ILE A 229 10.42 -16.89 12.86
N LYS A 230 10.38 -17.94 12.04
CA LYS A 230 11.56 -18.77 11.81
C LYS A 230 12.37 -18.31 10.60
N LEU A 231 11.87 -17.25 9.94
CA LEU A 231 12.44 -16.78 8.68
C LEU A 231 12.57 -17.95 7.71
N GLU A 232 11.52 -18.74 7.61
CA GLU A 232 11.53 -19.93 6.79
C GLU A 232 10.95 -19.65 5.39
N TYR A 233 11.81 -19.31 4.45
CA TYR A 233 11.44 -19.14 3.05
C TYR A 233 12.73 -19.37 2.28
N ASP A 234 12.64 -19.42 0.95
CA ASP A 234 13.85 -19.44 0.14
C ASP A 234 13.61 -18.89 -1.26
N PHE A 235 14.70 -18.62 -1.98
CA PHE A 235 14.63 -18.02 -3.31
C PHE A 235 14.64 -19.08 -4.41
N PRO A 236 13.88 -18.84 -5.49
CA PRO A 236 13.97 -19.71 -6.66
C PRO A 236 15.28 -19.45 -7.40
N GLU A 237 15.77 -20.43 -8.17
CA GLU A 237 16.99 -20.24 -8.94
C GLU A 237 16.89 -19.04 -9.89
N LYS A 238 15.68 -18.79 -10.40
CA LYS A 238 15.45 -17.66 -11.31
C LYS A 238 15.13 -16.38 -10.55
N PHE A 239 16.08 -15.91 -9.76
CA PHE A 239 15.88 -14.70 -8.96
C PHE A 239 17.05 -13.75 -9.20
N PHE A 240 16.76 -12.56 -9.72
CA PHE A 240 17.78 -11.56 -10.00
C PHE A 240 18.68 -11.39 -8.76
N PRO A 241 19.98 -11.66 -8.92
CA PRO A 241 20.93 -11.68 -7.79
C PRO A 241 20.91 -10.40 -6.97
N LYS A 242 20.76 -9.24 -7.62
CA LYS A 242 20.77 -7.99 -6.88
C LYS A 242 19.46 -7.80 -6.14
N ALA A 243 18.36 -8.24 -6.75
CA ALA A 243 17.07 -8.26 -6.07
C ALA A 243 17.14 -9.20 -4.86
N ARG A 244 17.77 -10.36 -5.02
CA ARG A 244 17.89 -11.30 -3.90
C ARG A 244 18.64 -10.65 -2.74
N ASP A 245 19.77 -10.02 -3.04
CA ASP A 245 20.55 -9.33 -2.00
C ASP A 245 19.71 -8.27 -1.31
N LEU A 246 18.93 -7.53 -2.08
CA LEU A 246 18.05 -6.51 -1.52
C LEU A 246 17.00 -7.11 -0.58
N VAL A 247 16.40 -8.22 -1.00
CA VAL A 247 15.35 -8.85 -0.19
C VAL A 247 15.92 -9.36 1.12
N GLU A 248 17.10 -9.98 1.04
CA GLU A 248 17.78 -10.47 2.22
C GLU A 248 18.13 -9.34 3.22
N LYS A 249 18.20 -8.11 2.74
CA LYS A 249 18.50 -7.00 3.64
C LYS A 249 17.23 -6.36 4.20
N LEU A 250 16.09 -6.79 3.69
CA LEU A 250 14.79 -6.28 4.17
C LEU A 250 14.08 -7.29 5.07
N LEU A 251 14.11 -8.56 4.66
CA LEU A 251 13.52 -9.63 5.44
C LEU A 251 14.51 -10.08 6.52
N VAL A 252 14.63 -9.26 7.55
CA VAL A 252 15.56 -9.49 8.64
C VAL A 252 14.72 -9.50 9.90
N LEU A 253 14.93 -10.51 10.74
CA LEU A 253 14.11 -10.66 11.94
C LEU A 253 14.22 -9.45 12.87
N ASP A 254 15.45 -9.04 13.15
CA ASP A 254 15.68 -7.85 13.98
C ASP A 254 15.25 -6.63 13.18
N ALA A 255 14.15 -6.01 13.60
CA ALA A 255 13.60 -4.87 12.88
C ALA A 255 14.58 -3.68 12.76
N THR A 256 15.55 -3.59 13.66
CA THR A 256 16.45 -2.43 13.64
C THR A 256 17.59 -2.60 12.62
N LYS A 257 17.60 -3.75 11.95
CA LYS A 257 18.66 -4.05 10.98
C LYS A 257 18.16 -4.16 9.54
N ARG A 258 16.95 -3.69 9.29
CA ARG A 258 16.41 -3.69 7.93
C ARG A 258 16.88 -2.46 7.17
N LEU A 259 17.40 -2.67 5.97
CA LEU A 259 17.81 -1.58 5.10
C LEU A 259 16.63 -0.60 4.96
N GLY A 260 16.86 0.68 5.26
CA GLY A 260 15.84 1.69 5.17
C GLY A 260 15.39 2.28 6.50
N CYS A 261 15.52 1.51 7.58
CA CYS A 261 15.10 1.98 8.89
CA CYS A 261 15.10 1.98 8.89
C CYS A 261 16.12 2.98 9.45
N GLU A 262 15.72 3.69 10.51
CA GLU A 262 16.53 4.74 11.14
C GLU A 262 17.90 4.27 11.62
N GLU A 263 17.95 3.09 12.24
CA GLU A 263 19.20 2.56 12.77
C GLU A 263 20.18 2.16 11.66
N MET A 264 19.65 2.01 10.45
CA MET A 264 20.50 1.70 9.30
C MET A 264 20.68 2.96 8.46
N GLU A 265 20.28 4.09 9.04
CA GLU A 265 20.51 5.42 8.46
C GLU A 265 19.57 5.79 7.31
N GLY A 266 18.39 5.18 7.31
CA GLY A 266 17.29 5.68 6.49
C GLY A 266 17.29 5.28 5.01
N TYR A 267 16.68 6.15 4.22
CA TYR A 267 16.41 5.83 2.81
C TYR A 267 17.57 5.99 1.85
N GLY A 268 18.56 6.82 2.20
CA GLY A 268 19.76 6.93 1.39
C GLY A 268 20.41 5.60 1.02
N PRO A 269 20.84 4.82 2.02
CA PRO A 269 21.45 3.52 1.74
C PRO A 269 20.50 2.58 1.01
N LEU A 270 19.21 2.58 1.34
CA LEU A 270 18.23 1.77 0.59
C LEU A 270 18.21 2.17 -0.88
N LYS A 271 18.04 3.46 -1.14
CA LYS A 271 18.00 3.94 -2.53
C LYS A 271 19.33 3.75 -3.26
N ALA A 272 20.43 3.65 -2.52
CA ALA A 272 21.75 3.43 -3.15
C ALA A 272 22.06 1.95 -3.39
N HIS A 273 21.13 1.07 -3.03
CA HIS A 273 21.35 -0.35 -3.29
C HIS A 273 21.60 -0.63 -4.76
N PRO A 274 22.57 -1.52 -5.05
CA PRO A 274 22.95 -1.85 -6.44
C PRO A 274 21.77 -2.27 -7.31
N PHE A 275 20.70 -2.82 -6.73
CA PHE A 275 19.53 -3.20 -7.51
C PHE A 275 18.91 -1.97 -8.21
N PHE A 276 19.04 -0.82 -7.58
CA PHE A 276 18.47 0.41 -8.10
C PHE A 276 19.48 1.22 -8.89
N GLU A 277 20.59 0.59 -9.25
CA GLU A 277 21.72 1.30 -9.86
C GLU A 277 21.28 2.33 -10.91
N SER A 278 20.47 1.90 -11.87
CA SER A 278 20.08 2.76 -12.97
C SER A 278 18.89 3.70 -12.69
N VAL A 279 18.38 3.71 -11.47
CA VAL A 279 17.18 4.50 -11.18
C VAL A 279 17.47 5.98 -10.96
N THR A 280 16.66 6.82 -11.57
CA THR A 280 16.65 8.25 -11.29
C THR A 280 15.49 8.56 -10.36
N TRP A 281 15.83 8.82 -9.09
CA TRP A 281 14.83 8.91 -8.02
C TRP A 281 14.02 10.20 -8.01
N GLU A 282 14.62 11.29 -8.49
CA GLU A 282 14.04 12.62 -8.35
C GLU A 282 12.70 12.79 -9.05
N ASN A 283 12.49 12.09 -10.17
CA ASN A 283 11.29 12.31 -10.97
C ASN A 283 10.62 11.04 -11.50
N LEU A 284 10.57 9.98 -10.69
CA LEU A 284 9.93 8.73 -11.15
C LEU A 284 8.55 8.94 -11.77
N HIS A 285 7.76 9.82 -11.17
CA HIS A 285 6.37 9.99 -11.60
C HIS A 285 6.29 10.67 -12.96
N GLN A 286 7.42 11.20 -13.42
CA GLN A 286 7.49 11.87 -14.70
C GLN A 286 8.00 10.92 -15.77
N GLN A 287 8.59 9.81 -15.34
CA GLN A 287 9.08 8.80 -16.25
C GLN A 287 7.94 7.96 -16.85
N THR A 288 8.24 7.26 -17.94
CA THR A 288 7.26 6.39 -18.60
C THR A 288 7.46 4.96 -18.12
N PRO A 289 6.46 4.40 -17.41
CA PRO A 289 6.61 3.05 -16.89
C PRO A 289 6.97 2.04 -17.98
N PRO A 290 7.79 1.04 -17.65
CA PRO A 290 8.11 0.00 -18.63
C PRO A 290 6.85 -0.79 -18.91
N LYS A 291 6.63 -1.18 -20.16
CA LYS A 291 5.41 -1.89 -20.51
C LYS A 291 5.35 -3.26 -19.84
N LEU A 292 4.17 -3.64 -19.36
CA LEU A 292 3.97 -4.94 -18.72
C LEU A 292 3.48 -5.98 -19.73
#